data_9OC6
#
_entry.id   9OC6
#
_cell.length_a   211.925
_cell.length_b   76.682
_cell.length_c   53.807
_cell.angle_alpha   90.000
_cell.angle_beta   98.552
_cell.angle_gamma   90.000
#
_symmetry.space_group_name_H-M   'C 1 2 1'
#
loop_
_entity.id
_entity.type
_entity.pdbx_description
1 polymer 'IgG receptor FcRn large subunit p51'
2 polymer Beta-2-microglobulin
3 polymer 'Capsid polyprotein VP90'
#
loop_
_entity_poly.entity_id
_entity_poly.type
_entity_poly.pdbx_seq_one_letter_code
_entity_poly.pdbx_strand_id
1 'polypeptide(L)'
;AESHLSLLYHLTAVSSPAPGTPAFWVSGWLGPQQYLSYNSLRGEAEPCGAWVWENQVSWYWEKETTDLRIKEKLFLEAFK
ALGGKGPYTLQGLLGCELGPDNTSVPTAKFALNGEEFMNFDLKQGTWGGDWPEALAISQRWQQQDKAANKELTFLLFSCP
HRLREHLERGRGNLEWKEPPSMRLKARPSSPGFSVLTCSAFSFYPPELQLRFLRNGLAAGTGQGDFGPNSDGSFHASSSL
TVKSGDEHHYCCIVQHAGLAQPLRVELESPAKSS
;
C
2 'polypeptide(L)'
;IQRTPKIQVYSRHPAENGKSNFLNCYVSGFHPSDIEVDLLKNGERIEKVEHSDLSFSKDWSFYLLYYTEFTPTEKDEYAC
RVNHVTLSQPKIVKWDRDM
;
D
3 'polypeptide(L)'
;MGETLKVLLTVGNPISPNETNKQTWVNKTIEPPGAVVKIGRDTQHYCTMNGFTLITKVDWFTEEFQPSEEPAPVQGLMVL
LDNHKKADVYAAQQYKNPITNDKQQVTSVFLVRVNEGFQVTNHLSYFYRNSVNTDAVENIKIRSATRHTTVRFNQGSWYL
LTSTVLHTGPPVSGWLWMNQELQNDQAYIIDQGIMHLITPPPVSSQIYFEMATLVPGSGLNDIFEAQKIEWHEGHHHHHH
HHHH
;
A
#
# COMPACT_ATOMS: atom_id res chain seq x y z
N LEU A 5 -18.02 14.34 6.54
CA LEU A 5 -16.79 13.63 6.22
C LEU A 5 -17.03 12.50 5.22
N SER A 6 -16.74 11.27 5.62
CA SER A 6 -16.77 10.13 4.71
C SER A 6 -17.63 9.01 5.29
N LEU A 7 -18.07 8.13 4.39
CA LEU A 7 -18.78 6.91 4.74
C LEU A 7 -18.12 5.78 3.95
N LEU A 8 -17.31 4.96 4.62
CA LEU A 8 -16.48 3.96 3.96
C LEU A 8 -16.71 2.59 4.56
N TYR A 9 -16.55 1.57 3.71
CA TYR A 9 -16.74 0.17 4.09
C TYR A 9 -15.47 -0.59 3.76
N HIS A 10 -14.91 -1.28 4.76
CA HIS A 10 -13.71 -2.09 4.59
C HIS A 10 -14.12 -3.55 4.46
N LEU A 11 -14.04 -4.06 3.24
CA LEU A 11 -14.38 -5.45 2.94
C LEU A 11 -13.11 -6.28 2.94
N THR A 12 -13.15 -7.45 3.59
CA THR A 12 -12.01 -8.34 3.62
C THR A 12 -12.49 -9.78 3.58
N ALA A 13 -11.86 -10.59 2.73
CA ALA A 13 -12.13 -12.01 2.64
C ALA A 13 -10.81 -12.76 2.56
N VAL A 14 -10.77 -13.93 3.19
CA VAL A 14 -9.58 -14.78 3.19
C VAL A 14 -9.99 -16.20 2.79
N SER A 15 -9.14 -16.86 2.00
CA SER A 15 -9.46 -18.20 1.56
C SER A 15 -9.28 -19.23 2.67
N SER A 16 -8.31 -19.00 3.57
CA SER A 16 -8.00 -19.93 4.66
C SER A 16 -7.97 -19.17 5.97
N PRO A 17 -9.14 -18.86 6.55
CA PRO A 17 -9.17 -18.22 7.87
C PRO A 17 -8.70 -19.18 8.96
N ALA A 18 -8.19 -18.60 10.05
CA ALA A 18 -7.81 -19.38 11.20
C ALA A 18 -9.03 -20.03 11.83
N PRO A 19 -8.85 -21.11 12.59
CA PRO A 19 -9.99 -21.72 13.29
C PRO A 19 -10.67 -20.71 14.20
N GLY A 20 -12.01 -20.73 14.17
CA GLY A 20 -12.79 -19.76 14.92
C GLY A 20 -12.59 -18.34 14.46
N THR A 21 -12.30 -18.12 13.17
CA THR A 21 -12.05 -16.80 12.64
C THR A 21 -12.86 -16.63 11.35
N PRO A 22 -13.53 -15.50 11.16
CA PRO A 22 -14.36 -15.33 9.96
C PRO A 22 -13.53 -15.35 8.69
N ALA A 23 -14.13 -15.88 7.62
CA ALA A 23 -13.55 -15.84 6.30
C ALA A 23 -13.88 -14.57 5.53
N PHE A 24 -14.78 -13.74 6.06
CA PHE A 24 -15.17 -12.49 5.41
C PHE A 24 -15.77 -11.58 6.47
N TRP A 25 -15.15 -10.43 6.71
CA TRP A 25 -15.63 -9.49 7.70
C TRP A 25 -15.61 -8.07 7.14
N VAL A 26 -16.53 -7.25 7.65
CA VAL A 26 -16.75 -5.90 7.17
C VAL A 26 -16.72 -4.93 8.34
N SER A 27 -16.21 -3.73 8.10
CA SER A 27 -16.28 -2.64 9.06
C SER A 27 -16.78 -1.40 8.35
N GLY A 28 -17.80 -0.76 8.91
CA GLY A 28 -18.39 0.45 8.35
C GLY A 28 -17.98 1.66 9.17
N TRP A 29 -17.65 2.75 8.48
CA TRP A 29 -17.09 3.93 9.11
C TRP A 29 -17.80 5.19 8.65
N LEU A 30 -17.97 6.13 9.57
CA LEU A 30 -18.43 7.49 9.29
C LEU A 30 -17.31 8.41 9.79
N GLY A 31 -16.33 8.66 8.94
CA GLY A 31 -15.13 9.34 9.34
C GLY A 31 -14.25 8.43 10.18
N PRO A 32 -13.73 8.96 11.30
CA PRO A 32 -12.88 8.15 12.18
C PRO A 32 -13.64 7.21 13.09
N GLN A 33 -14.97 7.23 13.09
CA GLN A 33 -15.77 6.38 13.97
C GLN A 33 -16.33 5.19 13.21
N GLN A 34 -16.24 4.01 13.81
CA GLN A 34 -16.84 2.82 13.26
C GLN A 34 -18.27 2.66 13.81
N TYR A 35 -19.22 2.45 12.90
CA TYR A 35 -20.62 2.29 13.30
C TYR A 35 -21.18 0.91 13.00
N LEU A 36 -20.56 0.15 12.09
CA LEU A 36 -21.09 -1.13 11.66
C LEU A 36 -20.01 -2.19 11.73
N SER A 37 -20.43 -3.41 12.07
CA SER A 37 -19.57 -4.57 12.07
C SER A 37 -20.30 -5.74 11.42
N TYR A 38 -19.53 -6.63 10.79
CA TYR A 38 -20.09 -7.79 10.13
C TYR A 38 -19.00 -8.84 9.98
N ASN A 39 -19.41 -10.11 10.02
CA ASN A 39 -18.51 -11.21 9.73
C ASN A 39 -19.33 -12.41 9.30
N SER A 40 -18.65 -13.35 8.64
CA SER A 40 -19.35 -14.50 8.07
C SER A 40 -19.84 -15.47 9.15
N LEU A 41 -19.17 -15.48 10.31
CA LEU A 41 -19.58 -16.40 11.37
C LEU A 41 -20.95 -16.02 11.92
N ARG A 42 -21.16 -14.73 12.20
CA ARG A 42 -22.44 -14.27 12.72
C ARG A 42 -23.47 -14.01 11.64
N GLY A 43 -23.05 -13.43 10.51
CA GLY A 43 -23.98 -13.11 9.45
C GLY A 43 -24.94 -11.99 9.75
N GLU A 44 -24.58 -11.10 10.68
CA GLU A 44 -25.46 -10.02 11.11
C GLU A 44 -24.73 -8.69 11.04
N ALA A 45 -25.43 -7.67 10.57
CA ALA A 45 -24.91 -6.30 10.60
C ALA A 45 -25.22 -5.71 11.96
N GLU A 46 -24.19 -5.41 12.74
CA GLU A 46 -24.38 -5.05 14.13
C GLU A 46 -23.83 -3.66 14.42
N PRO A 47 -24.47 -2.89 15.29
CA PRO A 47 -24.00 -1.54 15.59
C PRO A 47 -22.74 -1.54 16.44
N CYS A 48 -22.00 -0.43 16.35
CA CYS A 48 -20.78 -0.23 17.09
C CYS A 48 -20.80 1.14 17.77
N GLY A 49 -20.16 1.22 18.92
CA GLY A 49 -20.00 2.50 19.60
C GLY A 49 -21.33 3.10 20.02
N ALA A 50 -21.41 4.43 19.95
CA ALA A 50 -22.61 5.16 20.33
C ALA A 50 -23.75 4.97 19.34
N TRP A 51 -23.49 4.38 18.17
CA TRP A 51 -24.54 4.16 17.19
C TRP A 51 -25.49 3.04 17.59
N VAL A 52 -25.19 2.31 18.67
CA VAL A 52 -26.09 1.24 19.12
C VAL A 52 -27.42 1.82 19.59
N TRP A 53 -27.42 3.05 20.10
CA TRP A 53 -28.63 3.67 20.62
C TRP A 53 -29.39 4.35 19.48
N GLU A 54 -30.66 3.99 19.34
CA GLU A 54 -31.51 4.50 18.27
C GLU A 54 -31.73 6.01 18.40
N VAL A 57 -34.42 2.96 11.46
CA VAL A 57 -34.94 1.90 12.30
C VAL A 57 -34.66 0.54 11.65
N SER A 58 -35.44 -0.49 12.03
CA SER A 58 -35.09 -1.87 11.71
C SER A 58 -34.90 -2.11 10.22
N TRP A 59 -35.62 -1.39 9.36
CA TRP A 59 -35.48 -1.60 7.92
C TRP A 59 -34.06 -1.29 7.47
N TYR A 60 -33.42 -0.30 8.08
CA TYR A 60 -32.07 0.11 7.68
C TYR A 60 -31.06 -0.99 7.97
N TRP A 61 -31.08 -1.55 9.19
CA TRP A 61 -30.12 -2.59 9.54
C TRP A 61 -30.44 -3.91 8.85
N GLU A 62 -31.73 -4.22 8.67
CA GLU A 62 -32.10 -5.41 7.92
C GLU A 62 -31.62 -5.33 6.48
N LYS A 63 -31.75 -4.15 5.86
CA LYS A 63 -31.27 -3.99 4.48
C LYS A 63 -29.76 -4.13 4.40
N GLU A 64 -29.04 -3.60 5.39
CA GLU A 64 -27.58 -3.71 5.38
C GLU A 64 -27.13 -5.16 5.54
N THR A 65 -27.81 -5.93 6.38
CA THR A 65 -27.41 -7.32 6.59
C THR A 65 -27.55 -8.13 5.31
N THR A 66 -28.62 -7.91 4.56
CA THR A 66 -28.80 -8.62 3.29
C THR A 66 -27.78 -8.17 2.25
N ASP A 67 -27.45 -6.88 2.24
CA ASP A 67 -26.44 -6.38 1.30
C ASP A 67 -25.07 -7.00 1.57
N LEU A 68 -24.67 -7.06 2.85
CA LEU A 68 -23.36 -7.60 3.18
C LEU A 68 -23.29 -9.11 2.99
N ARG A 69 -24.42 -9.80 3.03
CA ARG A 69 -24.43 -11.22 2.70
C ARG A 69 -24.18 -11.45 1.22
N ILE A 70 -24.72 -10.57 0.37
CA ILE A 70 -24.47 -10.67 -1.07
C ILE A 70 -23.00 -10.37 -1.36
N LYS A 71 -22.44 -9.36 -0.71
CA LYS A 71 -21.01 -9.08 -0.85
C LYS A 71 -20.18 -10.27 -0.39
N GLU A 72 -20.62 -10.96 0.66
CA GLU A 72 -19.92 -12.15 1.12
C GLU A 72 -19.93 -13.24 0.05
N LYS A 73 -21.08 -13.45 -0.59
CA LYS A 73 -21.17 -14.48 -1.62
C LYS A 73 -20.25 -14.17 -2.79
N LEU A 74 -20.21 -12.90 -3.20
CA LEU A 74 -19.34 -12.51 -4.32
C LEU A 74 -17.87 -12.59 -3.94
N PHE A 75 -17.51 -12.15 -2.73
CA PHE A 75 -16.11 -12.21 -2.31
C PHE A 75 -15.60 -13.63 -2.26
N LEU A 76 -16.39 -14.56 -1.71
CA LEU A 76 -16.02 -15.97 -1.76
C LEU A 76 -16.06 -16.49 -3.19
N GLU A 77 -16.98 -16.00 -4.01
CA GLU A 77 -17.04 -16.41 -5.41
C GLU A 77 -15.80 -15.98 -6.17
N ALA A 78 -15.17 -14.89 -5.75
CA ALA A 78 -13.95 -14.42 -6.43
C ALA A 78 -12.83 -15.43 -6.30
N PHE A 79 -12.71 -16.07 -5.14
CA PHE A 79 -11.68 -17.09 -4.95
C PHE A 79 -11.88 -18.26 -5.91
N LYS A 80 -13.12 -18.64 -6.17
CA LYS A 80 -13.39 -19.68 -7.14
C LYS A 80 -13.11 -19.21 -8.57
N ALA A 81 -13.35 -17.94 -8.86
CA ALA A 81 -13.08 -17.42 -10.20
C ALA A 81 -11.60 -17.53 -10.53
N LEU A 82 -10.74 -17.21 -9.58
CA LEU A 82 -9.32 -17.50 -9.72
C LEU A 82 -9.10 -19.01 -9.65
N GLY A 83 -8.11 -19.48 -10.41
CA GLY A 83 -7.73 -20.88 -10.34
C GLY A 83 -7.33 -21.26 -8.94
N GLY A 84 -7.92 -22.33 -8.39
CA GLY A 84 -7.71 -22.65 -6.99
C GLY A 84 -6.27 -22.91 -6.61
N LYS A 85 -5.66 -21.93 -5.93
CA LYS A 85 -4.30 -22.08 -5.42
C LYS A 85 -4.16 -21.07 -4.28
N GLY A 86 -4.30 -21.54 -3.04
CA GLY A 86 -4.29 -20.65 -1.91
C GLY A 86 -2.88 -20.28 -1.49
N PRO A 87 -2.80 -19.38 -0.50
CA PRO A 87 -3.91 -18.64 0.13
C PRO A 87 -4.33 -17.43 -0.70
N TYR A 88 -5.52 -16.89 -0.47
CA TYR A 88 -6.02 -15.72 -1.16
C TYR A 88 -6.56 -14.72 -0.15
N THR A 89 -6.48 -13.44 -0.51
CA THR A 89 -7.02 -12.37 0.31
C THR A 89 -7.62 -11.32 -0.62
N LEU A 90 -8.93 -11.10 -0.52
CA LEU A 90 -9.61 -10.08 -1.31
C LEU A 90 -10.04 -8.95 -0.39
N GLN A 91 -9.61 -7.74 -0.71
CA GLN A 91 -9.94 -6.55 0.06
C GLN A 91 -10.70 -5.58 -0.83
N GLY A 92 -11.67 -4.90 -0.24
CA GLY A 92 -12.50 -3.96 -0.98
C GLY A 92 -12.71 -2.69 -0.19
N LEU A 93 -12.73 -1.57 -0.91
CA LEU A 93 -12.90 -0.25 -0.30
C LEU A 93 -14.04 0.45 -1.05
N LEU A 94 -15.23 0.41 -0.47
CA LEU A 94 -16.42 0.99 -1.09
C LEU A 94 -16.96 2.10 -0.20
N GLY A 95 -17.25 3.25 -0.82
CA GLY A 95 -17.75 4.38 -0.07
C GLY A 95 -17.80 5.63 -0.93
N CYS A 96 -17.94 6.78 -0.28
CA CYS A 96 -18.08 8.04 -0.98
C CYS A 96 -17.83 9.19 0.01
N GLU A 97 -18.01 10.41 -0.48
CA GLU A 97 -17.89 11.64 0.29
C GLU A 97 -18.85 12.66 -0.29
N LEU A 98 -19.32 13.59 0.54
CA LEU A 98 -20.26 14.63 0.12
C LEU A 98 -19.50 15.85 -0.37
N GLY A 99 -19.27 15.92 -1.69
CA GLY A 99 -18.64 17.08 -2.26
C GLY A 99 -19.51 18.32 -2.17
N PRO A 100 -18.96 19.50 -2.53
CA PRO A 100 -19.62 20.80 -2.42
C PRO A 100 -21.01 20.83 -3.04
N THR A 103 -22.40 17.56 -4.18
CA THR A 103 -21.83 16.58 -5.11
C THR A 103 -21.27 15.40 -4.33
N SER A 104 -20.46 14.57 -4.97
CA SER A 104 -19.94 13.39 -4.28
C SER A 104 -18.68 12.89 -4.97
N VAL A 105 -17.83 12.22 -4.19
CA VAL A 105 -16.63 11.57 -4.70
C VAL A 105 -16.66 10.09 -4.31
N PRO A 106 -16.96 9.19 -5.23
CA PRO A 106 -17.03 7.77 -4.87
C PRO A 106 -15.65 7.13 -4.81
N THR A 107 -15.58 6.02 -4.06
CA THR A 107 -14.36 5.22 -3.97
C THR A 107 -14.72 3.75 -4.09
N ALA A 108 -14.08 3.06 -5.02
CA ALA A 108 -14.32 1.63 -5.22
C ALA A 108 -13.04 1.01 -5.75
N LYS A 109 -12.24 0.42 -4.86
CA LYS A 109 -10.99 -0.23 -5.23
C LYS A 109 -10.90 -1.57 -4.54
N PHE A 110 -10.23 -2.51 -5.20
CA PHE A 110 -10.06 -3.86 -4.68
C PHE A 110 -8.60 -4.28 -4.81
N ALA A 111 -8.15 -5.10 -3.87
CA ALA A 111 -6.78 -5.60 -3.84
C ALA A 111 -6.77 -7.10 -3.63
N LEU A 112 -5.95 -7.79 -4.42
CA LEU A 112 -5.79 -9.24 -4.32
C LEU A 112 -4.43 -9.53 -3.72
N ASN A 113 -4.43 -10.18 -2.54
CA ASN A 113 -3.21 -10.49 -1.81
C ASN A 113 -2.36 -9.24 -1.61
N GLY A 114 -3.02 -8.13 -1.28
CA GLY A 114 -2.34 -6.88 -1.02
C GLY A 114 -1.97 -6.07 -2.24
N GLU A 115 -2.34 -6.53 -3.44
CA GLU A 115 -1.98 -5.85 -4.69
C GLU A 115 -3.24 -5.27 -5.33
N GLU A 116 -3.26 -3.95 -5.49
CA GLU A 116 -4.38 -3.28 -6.13
C GLU A 116 -4.52 -3.75 -7.57
N PHE A 117 -5.68 -4.29 -7.93
CA PHE A 117 -5.87 -4.84 -9.27
C PHE A 117 -7.23 -4.58 -9.90
N MET A 118 -8.14 -3.88 -9.22
CA MET A 118 -9.48 -3.74 -9.77
C MET A 118 -10.17 -2.55 -9.13
N ASN A 119 -11.21 -2.06 -9.81
CA ASN A 119 -12.06 -0.99 -9.31
C ASN A 119 -13.48 -1.24 -9.83
N PHE A 120 -14.32 -0.22 -9.75
CA PHE A 120 -15.65 -0.25 -10.35
C PHE A 120 -15.78 0.98 -11.22
N ASP A 121 -15.65 0.80 -12.54
CA ASP A 121 -15.79 1.91 -13.47
C ASP A 121 -17.22 2.44 -13.43
N LEU A 122 -17.35 3.76 -13.42
CA LEU A 122 -18.67 4.40 -13.37
C LEU A 122 -19.23 4.71 -14.75
N LYS A 123 -18.40 4.77 -15.77
CA LYS A 123 -18.89 4.97 -17.14
C LYS A 123 -19.46 3.66 -17.68
N GLN A 124 -18.62 2.64 -17.82
CA GLN A 124 -19.09 1.28 -18.04
C GLN A 124 -19.44 0.69 -16.70
N GLY A 125 -20.72 0.37 -16.49
CA GLY A 125 -21.20 -0.04 -15.18
C GLY A 125 -20.80 -1.43 -14.76
N THR A 126 -19.50 -1.64 -14.58
CA THR A 126 -18.95 -2.95 -14.21
C THR A 126 -17.64 -2.71 -13.48
N TRP A 127 -17.00 -3.81 -13.08
CA TRP A 127 -15.72 -3.74 -12.39
C TRP A 127 -14.59 -3.71 -13.42
N GLY A 128 -13.73 -2.70 -13.30
CA GLY A 128 -12.69 -2.45 -14.29
C GLY A 128 -11.35 -3.02 -13.89
N GLY A 129 -10.64 -3.57 -14.88
CA GLY A 129 -9.30 -4.06 -14.69
C GLY A 129 -8.85 -4.96 -15.81
N ASP A 130 -7.60 -4.82 -16.25
CA ASP A 130 -7.05 -5.60 -17.35
C ASP A 130 -6.08 -6.68 -16.88
N TRP A 131 -5.84 -6.78 -15.58
CA TRP A 131 -5.08 -7.90 -15.05
C TRP A 131 -5.83 -9.19 -15.32
N PRO A 132 -5.12 -10.31 -15.50
CA PRO A 132 -5.81 -11.59 -15.71
C PRO A 132 -6.67 -12.00 -14.52
N GLU A 133 -6.41 -11.47 -13.33
CA GLU A 133 -7.26 -11.73 -12.18
C GLU A 133 -8.50 -10.85 -12.16
N ALA A 134 -8.39 -9.60 -12.63
CA ALA A 134 -9.52 -8.70 -12.64
C ALA A 134 -10.49 -8.96 -13.78
N LEU A 135 -10.06 -9.69 -14.82
CA LEU A 135 -10.97 -10.07 -15.88
C LEU A 135 -11.83 -11.28 -15.53
N ALA A 136 -11.36 -12.11 -14.60
CA ALA A 136 -12.13 -13.28 -14.17
C ALA A 136 -13.11 -12.95 -13.05
N ILE A 137 -12.68 -12.15 -12.08
CA ILE A 137 -13.55 -11.79 -10.96
C ILE A 137 -14.64 -10.84 -11.41
N SER A 138 -14.26 -9.79 -12.15
CA SER A 138 -15.26 -8.85 -12.67
C SER A 138 -16.27 -9.56 -13.56
N GLN A 139 -15.82 -10.57 -14.31
CA GLN A 139 -16.75 -11.40 -15.06
C GLN A 139 -17.74 -12.08 -14.12
N ARG A 140 -17.23 -12.80 -13.11
CA ARG A 140 -18.09 -13.61 -12.26
C ARG A 140 -19.11 -12.76 -11.53
N TRP A 141 -18.69 -11.60 -11.01
CA TRP A 141 -19.63 -10.69 -10.36
C TRP A 141 -20.65 -10.14 -11.34
N GLN A 142 -20.22 -9.87 -12.58
CA GLN A 142 -21.16 -9.44 -13.61
C GLN A 142 -22.15 -10.55 -13.94
N GLN A 143 -21.72 -11.80 -13.89
CA GLN A 143 -22.55 -12.98 -14.13
C GLN A 143 -23.51 -13.27 -12.98
N GLN A 144 -23.57 -12.42 -11.97
CA GLN A 144 -24.54 -12.53 -10.89
C GLN A 144 -25.65 -11.51 -11.09
N ASP A 145 -26.84 -11.86 -10.59
CA ASP A 145 -28.07 -11.13 -10.92
C ASP A 145 -28.03 -9.73 -10.33
N LYS A 146 -27.98 -8.72 -11.22
CA LYS A 146 -28.10 -7.30 -10.85
C LYS A 146 -27.02 -6.85 -9.88
N ALA A 147 -25.90 -7.58 -9.79
CA ALA A 147 -24.86 -7.24 -8.83
C ALA A 147 -24.22 -5.89 -9.17
N ALA A 148 -23.89 -5.68 -10.45
CA ALA A 148 -23.28 -4.42 -10.85
C ALA A 148 -24.25 -3.26 -10.75
N ASN A 149 -25.54 -3.52 -10.98
CA ASN A 149 -26.54 -2.44 -10.93
C ASN A 149 -26.63 -1.84 -9.53
N LYS A 150 -26.64 -2.69 -8.50
CA LYS A 150 -26.73 -2.18 -7.13
C LYS A 150 -25.50 -1.36 -6.76
N GLU A 151 -24.32 -1.79 -7.20
CA GLU A 151 -23.09 -1.10 -6.85
C GLU A 151 -23.09 0.33 -7.40
N LEU A 152 -23.56 0.51 -8.64
CA LEU A 152 -23.64 1.84 -9.21
C LEU A 152 -24.66 2.69 -8.46
N THR A 153 -25.76 2.09 -8.02
CA THR A 153 -26.76 2.82 -7.24
C THR A 153 -26.19 3.25 -5.90
N PHE A 154 -25.39 2.39 -5.27
CA PHE A 154 -24.82 2.72 -3.96
C PHE A 154 -23.78 3.83 -4.07
N LEU A 155 -22.84 3.71 -5.01
CA LEU A 155 -21.73 4.65 -5.06
C LEU A 155 -22.18 6.05 -5.46
N LEU A 156 -23.28 6.16 -6.21
CA LEU A 156 -23.70 7.45 -6.76
C LEU A 156 -24.93 8.04 -6.11
N PHE A 157 -25.83 7.21 -5.57
CA PHE A 157 -27.01 7.72 -4.89
C PHE A 157 -27.09 7.34 -3.42
N SER A 158 -27.00 6.04 -3.11
CA SER A 158 -27.28 5.58 -1.75
C SER A 158 -26.26 6.12 -0.76
N CYS A 159 -24.98 5.97 -1.04
CA CYS A 159 -23.94 6.48 -0.14
C CYS A 159 -24.00 8.00 0.01
N PRO A 160 -24.05 8.81 -1.06
CA PRO A 160 -24.12 10.26 -0.84
C PRO A 160 -25.38 10.69 -0.08
N HIS A 161 -26.53 10.10 -0.39
CA HIS A 161 -27.76 10.47 0.30
C HIS A 161 -27.70 10.06 1.78
N ARG A 162 -27.16 8.87 2.06
CA ARG A 162 -27.03 8.43 3.45
C ARG A 162 -26.11 9.35 4.23
N LEU A 163 -25.10 9.92 3.58
CA LEU A 163 -24.24 10.89 4.25
C LEU A 163 -24.95 12.22 4.49
N ARG A 164 -25.76 12.66 3.52
CA ARG A 164 -26.52 13.89 3.70
C ARG A 164 -27.52 13.76 4.84
N GLU A 165 -28.17 12.60 4.95
CA GLU A 165 -29.13 12.38 6.03
C GLU A 165 -28.45 12.44 7.39
N HIS A 166 -27.28 11.84 7.53
CA HIS A 166 -26.59 11.81 8.82
C HIS A 166 -26.08 13.19 9.23
N LEU A 167 -25.87 14.10 8.29
CA LEU A 167 -25.39 15.44 8.58
C LEU A 167 -26.52 16.41 8.91
N GLU A 168 -27.68 15.91 9.31
CA GLU A 168 -28.79 16.76 9.71
C GLU A 168 -29.17 16.51 11.17
N LEU A 174 -19.09 12.96 15.63
CA LEU A 174 -18.39 13.81 14.68
C LEU A 174 -18.03 15.17 15.28
N GLU A 175 -19.05 15.86 15.79
CA GLU A 175 -18.86 17.18 16.39
C GLU A 175 -18.42 17.10 17.85
N TRP A 176 -18.50 15.93 18.46
CA TRP A 176 -18.07 15.78 19.85
C TRP A 176 -16.56 15.96 19.96
N LYS A 177 -16.14 16.75 20.95
CA LYS A 177 -14.74 17.09 21.14
C LYS A 177 -14.24 16.56 22.48
N GLU A 178 -12.94 16.34 22.56
CA GLU A 178 -12.32 15.82 23.77
C GLU A 178 -10.86 16.27 23.85
N PRO A 179 -10.52 17.17 24.77
CA PRO A 179 -9.14 17.66 24.85
C PRO A 179 -8.21 16.55 25.30
N PRO A 180 -6.96 16.56 24.85
CA PRO A 180 -6.01 15.50 25.26
C PRO A 180 -5.31 15.79 26.58
N SER A 181 -5.33 14.82 27.50
CA SER A 181 -4.50 14.92 28.69
C SER A 181 -3.04 14.83 28.30
N MET A 182 -2.22 15.71 28.86
CA MET A 182 -0.83 15.86 28.43
C MET A 182 0.14 15.45 29.53
N ARG A 183 1.22 14.79 29.11
CA ARG A 183 2.31 14.40 30.00
C ARG A 183 3.63 14.55 29.26
N LEU A 184 4.64 15.08 29.95
CA LEU A 184 5.98 15.23 29.40
C LEU A 184 6.98 14.71 30.43
N LYS A 185 7.79 13.73 30.02
CA LYS A 185 8.72 13.09 30.93
C LYS A 185 10.07 12.92 30.23
N ALA A 186 11.13 12.88 31.02
CA ALA A 186 12.49 12.71 30.52
C ALA A 186 12.97 11.31 30.84
N ARG A 187 13.23 10.51 29.81
CA ARG A 187 13.73 9.16 29.95
C ARG A 187 15.26 9.17 30.01
N PRO A 188 15.89 8.05 30.36
CA PRO A 188 17.37 8.02 30.38
C PRO A 188 17.96 8.02 28.98
N SER A 189 18.08 9.20 28.39
CA SER A 189 18.68 9.33 27.07
C SER A 189 20.12 8.80 27.10
N SER A 190 20.53 8.24 25.97
CA SER A 190 21.87 7.67 25.81
C SER A 190 22.91 8.70 26.25
N PRO A 191 24.05 8.26 26.82
CA PRO A 191 24.97 9.20 27.46
C PRO A 191 25.34 10.39 26.60
N GLY A 192 24.93 11.58 27.01
CA GLY A 192 25.14 12.79 26.24
C GLY A 192 23.86 13.34 25.66
N THR A 197 9.75 12.96 26.11
CA THR A 197 8.61 12.26 25.54
C THR A 197 7.31 13.00 25.83
N CYS A 198 6.72 13.53 24.78
CA CYS A 198 5.49 14.33 24.86
C CYS A 198 4.34 13.48 24.32
N SER A 199 3.42 13.09 25.19
CA SER A 199 2.34 12.17 24.84
C SER A 199 0.98 12.75 25.18
N ALA A 200 0.02 12.52 24.30
CA ALA A 200 -1.36 12.95 24.48
C ALA A 200 -2.26 11.73 24.61
N PHE A 201 -3.16 11.75 25.59
CA PHE A 201 -4.00 10.61 25.92
C PHE A 201 -5.46 10.96 25.70
N SER A 202 -6.17 10.09 24.98
CA SER A 202 -7.63 10.08 24.90
C SER A 202 -8.17 11.43 24.38
N PHE A 203 -7.86 11.70 23.12
CA PHE A 203 -8.35 12.89 22.44
C PHE A 203 -9.20 12.50 21.23
N TYR A 204 -10.10 13.41 20.85
CA TYR A 204 -10.94 13.22 19.69
C TYR A 204 -11.45 14.59 19.26
N PRO A 205 -11.43 14.94 17.96
CA PRO A 205 -11.08 14.16 16.76
C PRO A 205 -9.60 13.81 16.65
N PRO A 206 -9.24 12.83 15.81
CA PRO A 206 -7.85 12.36 15.76
C PRO A 206 -6.86 13.38 15.22
N GLU A 207 -7.32 14.51 14.67
CA GLU A 207 -6.40 15.50 14.13
C GLU A 207 -5.68 16.22 15.26
N LEU A 208 -4.36 16.11 15.29
CA LEU A 208 -3.55 16.68 16.36
C LEU A 208 -2.10 16.74 15.89
N GLN A 209 -1.42 17.83 16.24
CA GLN A 209 -0.03 18.03 15.88
C GLN A 209 0.81 18.35 17.11
N LEU A 210 2.05 17.89 17.08
CA LEU A 210 2.97 18.10 18.20
C LEU A 210 4.20 18.89 17.74
N GLY A 222 8.66 15.43 16.39
CA GLY A 222 9.86 14.62 16.31
C GLY A 222 9.64 13.29 15.62
N GLN A 223 9.50 12.23 16.41
CA GLN A 223 9.27 10.89 15.89
C GLN A 223 7.92 10.37 16.34
N GLY A 224 6.89 11.21 16.24
CA GLY A 224 5.60 10.87 16.79
C GLY A 224 4.94 9.69 16.09
N ASP A 225 4.18 8.93 16.86
CA ASP A 225 3.35 7.85 16.36
C ASP A 225 1.90 8.08 16.79
N PHE A 226 0.99 7.35 16.17
CA PHE A 226 -0.43 7.62 16.28
C PHE A 226 -1.21 6.32 16.32
N GLY A 227 -2.19 6.24 17.23
CA GLY A 227 -2.98 5.04 17.40
C GLY A 227 -4.31 5.30 18.11
N PRO A 228 -5.24 4.36 18.01
CA PRO A 228 -6.56 4.55 18.59
C PRO A 228 -6.66 3.96 20.01
N ASN A 229 -7.76 4.32 20.67
CA ASN A 229 -8.14 3.76 21.96
C ASN A 229 -9.42 2.95 21.82
N SER A 230 -9.66 2.06 22.78
CA SER A 230 -10.81 1.17 22.70
C SER A 230 -12.12 1.93 22.79
N ASP A 231 -12.11 3.08 23.45
CA ASP A 231 -13.33 3.86 23.66
C ASP A 231 -13.70 4.74 22.48
N GLY A 232 -12.88 4.75 21.43
CA GLY A 232 -13.12 5.59 20.27
C GLY A 232 -12.24 6.83 20.21
N SER A 233 -11.54 7.17 21.28
CA SER A 233 -10.62 8.29 21.28
C SER A 233 -9.30 7.86 20.62
N PHE A 234 -8.29 8.71 20.70
CA PHE A 234 -7.02 8.47 20.04
C PHE A 234 -5.87 8.83 20.98
N HIS A 235 -4.67 8.40 20.60
CA HIS A 235 -3.48 8.57 21.41
C HIS A 235 -2.29 8.83 20.50
N ALA A 236 -1.46 9.80 20.87
CA ALA A 236 -0.27 10.16 20.11
C ALA A 236 0.90 10.35 21.07
N SER A 237 2.11 10.15 20.55
CA SER A 237 3.31 10.24 21.39
C SER A 237 4.51 10.57 20.51
N SER A 238 5.12 11.73 20.75
CA SER A 238 6.31 12.16 20.04
C SER A 238 7.41 12.47 21.04
N SER A 239 8.61 11.95 20.79
CA SER A 239 9.76 12.18 21.64
C SER A 239 10.92 12.71 20.79
N LEU A 240 11.64 13.68 21.33
CA LEU A 240 12.76 14.31 20.62
C LEU A 240 14.05 14.04 21.37
N THR A 241 15.12 13.75 20.62
CA THR A 241 16.41 13.36 21.20
C THR A 241 17.09 14.60 21.77
N VAL A 242 17.06 14.74 23.09
CA VAL A 242 17.73 15.85 23.77
C VAL A 242 18.62 15.32 24.87
N TYR A 250 13.02 22.97 27.71
CA TYR A 250 12.25 22.47 26.57
C TYR A 250 10.80 22.20 26.94
N CYS A 251 9.89 22.72 26.12
CA CYS A 251 8.46 22.54 26.32
C CYS A 251 7.83 21.96 25.06
N CYS A 252 6.64 21.41 25.21
CA CYS A 252 5.89 20.78 24.14
C CYS A 252 4.64 21.59 23.83
N ILE A 253 4.28 21.67 22.55
CA ILE A 253 3.11 22.40 22.11
C ILE A 253 2.12 21.43 21.49
N VAL A 254 0.83 21.61 21.82
CA VAL A 254 -0.23 20.75 21.33
C VAL A 254 -1.34 21.62 20.76
N GLN A 255 -1.87 21.22 19.60
CA GLN A 255 -2.99 21.90 18.97
C GLN A 255 -4.04 20.86 18.61
N HIS A 256 -5.25 21.05 19.13
CA HIS A 256 -6.32 20.08 18.96
C HIS A 256 -7.64 20.81 18.86
N ALA A 257 -8.62 20.17 18.20
CA ALA A 257 -9.93 20.77 18.01
C ALA A 257 -10.71 20.92 19.31
N GLY A 258 -10.36 20.17 20.35
CA GLY A 258 -10.98 20.34 21.64
C GLY A 258 -10.39 21.44 22.50
N LEU A 259 -9.22 21.95 22.13
CA LEU A 259 -8.57 23.05 22.82
C LEU A 259 -8.85 24.34 22.08
N ALA A 260 -9.23 25.39 22.81
CA ALA A 260 -9.46 26.68 22.19
C ALA A 260 -8.19 27.22 21.54
N GLN A 261 -7.09 27.22 22.29
CA GLN A 261 -5.80 27.72 21.84
C GLN A 261 -4.73 26.69 22.19
N PRO A 262 -3.62 26.67 21.46
CA PRO A 262 -2.56 25.69 21.76
C PRO A 262 -2.06 25.84 23.19
N LEU A 263 -1.77 24.69 23.82
CA LEU A 263 -1.37 24.65 25.21
C LEU A 263 0.06 24.14 25.33
N ARG A 264 0.84 24.82 26.17
CA ARG A 264 2.19 24.39 26.48
C ARG A 264 2.17 23.18 27.40
N VAL A 265 3.30 22.49 27.48
CA VAL A 265 3.46 21.32 28.34
C VAL A 265 4.76 21.49 29.13
N GLU A 266 4.70 21.20 30.43
CA GLU A 266 5.84 21.31 31.32
C GLU A 266 6.22 19.94 31.86
N LEU A 267 7.49 19.78 32.21
CA LEU A 267 7.98 18.54 32.80
C LEU A 267 7.31 18.26 34.14
N ILE B 1 1.75 -9.38 -1.50
CA ILE B 1 2.92 -8.89 -0.79
C ILE B 1 2.92 -9.36 0.66
N GLN B 2 4.01 -9.07 1.38
CA GLN B 2 4.13 -9.39 2.79
C GLN B 2 4.77 -8.21 3.50
N ARG B 3 4.21 -7.84 4.67
CA ARG B 3 4.67 -6.68 5.42
C ARG B 3 4.66 -7.01 6.91
N THR B 4 5.67 -6.49 7.62
CA THR B 4 5.84 -6.75 9.04
C THR B 4 5.00 -5.80 9.89
N PRO B 5 4.52 -6.24 11.05
CA PRO B 5 3.66 -5.38 11.87
C PRO B 5 4.46 -4.42 12.74
N LYS B 6 4.03 -3.15 12.74
CA LYS B 6 4.52 -2.15 13.67
C LYS B 6 3.70 -2.22 14.96
N ILE B 7 4.37 -2.31 16.09
CA ILE B 7 3.73 -2.59 17.37
C ILE B 7 3.97 -1.43 18.33
N GLN B 8 2.88 -0.91 18.90
CA GLN B 8 2.95 0.14 19.90
C GLN B 8 2.19 -0.31 21.15
N VAL B 9 2.75 -0.02 22.32
CA VAL B 9 2.12 -0.35 23.59
C VAL B 9 1.94 0.94 24.39
N TYR B 10 0.69 1.25 24.73
CA TYR B 10 0.37 2.49 25.43
C TYR B 10 -0.96 2.32 26.15
N SER B 11 -1.19 3.19 27.12
CA SER B 11 -2.39 3.13 27.95
C SER B 11 -3.41 4.19 27.51
N ARG B 12 -4.68 3.90 27.78
CA ARG B 12 -5.75 4.84 27.43
C ARG B 12 -5.59 6.16 28.17
N HIS B 13 -5.35 6.09 29.48
CA HIS B 13 -5.15 7.24 30.34
C HIS B 13 -3.75 7.25 30.88
N PRO B 14 -3.23 8.41 31.29
CA PRO B 14 -1.93 8.44 31.97
C PRO B 14 -1.94 7.55 33.20
N ALA B 15 -0.87 6.79 33.38
CA ALA B 15 -0.85 5.70 34.35
C ALA B 15 -0.66 6.25 35.76
N GLU B 16 -1.61 5.95 36.63
CA GLU B 16 -1.50 6.18 38.07
C GLU B 16 -1.61 4.84 38.77
N ASN B 17 -0.78 4.63 39.78
CA ASN B 17 -0.81 3.37 40.51
C ASN B 17 -2.07 3.27 41.36
N GLY B 18 -2.78 2.15 41.24
CA GLY B 18 -3.96 1.88 42.03
C GLY B 18 -5.28 2.13 41.34
N LYS B 19 -5.30 2.96 40.29
CA LYS B 19 -6.53 3.27 39.59
C LYS B 19 -6.70 2.34 38.39
N SER B 20 -7.96 2.06 38.06
CA SER B 20 -8.25 1.22 36.91
C SER B 20 -8.00 1.99 35.62
N ASN B 21 -7.49 1.29 34.61
CA ASN B 21 -7.10 1.90 33.34
C ASN B 21 -7.23 0.85 32.24
N PHE B 22 -6.81 1.22 31.03
CA PHE B 22 -6.83 0.32 29.89
C PHE B 22 -5.44 0.26 29.27
N LEU B 23 -5.04 -0.93 28.83
CA LEU B 23 -3.76 -1.14 28.17
C LEU B 23 -4.01 -1.53 26.72
N ASN B 24 -3.35 -0.82 25.80
CA ASN B 24 -3.54 -1.00 24.37
C ASN B 24 -2.25 -1.48 23.73
N CYS B 25 -2.37 -2.45 22.83
CA CYS B 25 -1.27 -2.92 21.98
C CYS B 25 -1.72 -2.74 20.54
N TYR B 26 -1.39 -1.59 19.96
CA TYR B 26 -1.81 -1.26 18.60
C TYR B 26 -0.84 -1.90 17.60
N VAL B 27 -1.33 -2.89 16.87
CA VAL B 27 -0.56 -3.56 15.83
C VAL B 27 -1.08 -3.08 14.49
N SER B 28 -0.20 -2.52 13.66
CA SER B 28 -0.62 -1.87 12.42
C SER B 28 0.36 -2.16 11.30
N GLY B 29 -0.12 -2.01 10.08
CA GLY B 29 0.73 -2.10 8.90
C GLY B 29 1.34 -3.45 8.63
N PHE B 30 0.57 -4.52 8.79
CA PHE B 30 1.04 -5.86 8.50
C PHE B 30 0.19 -6.50 7.43
N HIS B 31 0.75 -7.50 6.77
CA HIS B 31 0.08 -8.23 5.71
C HIS B 31 0.77 -9.57 5.49
N PRO B 32 0.02 -10.68 5.36
CA PRO B 32 -1.45 -10.82 5.40
C PRO B 32 -2.07 -10.60 6.78
N SER B 33 -3.39 -10.78 6.88
CA SER B 33 -4.11 -10.46 8.11
C SER B 33 -3.90 -11.47 9.22
N ASP B 34 -3.40 -12.67 8.89
CA ASP B 34 -3.19 -13.70 9.90
C ASP B 34 -2.15 -13.24 10.92
N ILE B 35 -2.58 -13.02 12.15
CA ILE B 35 -1.69 -12.50 13.19
C ILE B 35 -2.14 -13.04 14.54
N GLU B 36 -1.17 -13.33 15.41
CA GLU B 36 -1.41 -13.85 16.75
C GLU B 36 -0.80 -12.90 17.75
N VAL B 37 -1.63 -12.36 18.65
CA VAL B 37 -1.21 -11.33 19.59
C VAL B 37 -1.69 -11.69 20.99
N ASP B 38 -0.82 -11.50 21.98
CA ASP B 38 -1.14 -11.72 23.38
C ASP B 38 -0.65 -10.53 24.20
N LEU B 39 -1.40 -10.23 25.27
CA LEU B 39 -0.96 -9.25 26.26
C LEU B 39 -0.45 -10.00 27.48
N LEU B 40 0.72 -9.59 27.98
CA LEU B 40 1.42 -10.34 29.01
C LEU B 40 1.50 -9.51 30.28
N LYS B 41 1.23 -10.15 31.41
CA LYS B 41 1.49 -9.60 32.75
C LYS B 41 2.59 -10.44 33.38
N ASN B 42 3.75 -9.81 33.59
CA ASN B 42 4.92 -10.49 34.14
C ASN B 42 5.30 -11.72 33.32
N GLY B 43 5.18 -11.60 32.00
CA GLY B 43 5.52 -12.68 31.10
C GLY B 43 4.49 -13.76 30.93
N GLU B 44 3.33 -13.63 31.58
CA GLU B 44 2.28 -14.64 31.51
C GLU B 44 1.07 -14.09 30.74
N ARG B 45 0.37 -14.99 30.06
CA ARG B 45 -0.69 -14.60 29.14
C ARG B 45 -1.92 -14.13 29.91
N ILE B 46 -2.32 -12.88 29.65
CA ILE B 46 -3.58 -12.37 30.18
C ILE B 46 -4.72 -12.96 29.38
N GLU B 47 -5.72 -13.50 30.08
CA GLU B 47 -6.83 -14.18 29.42
C GLU B 47 -8.00 -13.25 29.13
N LYS B 48 -8.28 -12.32 30.04
CA LYS B 48 -9.27 -11.28 29.78
C LYS B 48 -8.65 -10.27 28.81
N VAL B 49 -8.95 -10.44 27.52
CA VAL B 49 -8.45 -9.56 26.46
C VAL B 49 -9.56 -9.38 25.43
N GLU B 50 -9.72 -8.15 24.96
CA GLU B 50 -10.63 -7.84 23.86
C GLU B 50 -9.84 -7.18 22.73
N HIS B 51 -10.24 -7.47 21.50
CA HIS B 51 -9.61 -6.86 20.33
C HIS B 51 -10.68 -6.30 19.40
N SER B 52 -10.37 -5.18 18.77
CA SER B 52 -11.30 -4.53 17.86
C SER B 52 -11.36 -5.29 16.54
N ASP B 53 -12.18 -4.79 15.62
CA ASP B 53 -12.28 -5.39 14.31
C ASP B 53 -10.99 -5.18 13.53
N LEU B 54 -10.66 -6.16 12.69
CA LEU B 54 -9.47 -6.10 11.87
C LEU B 54 -9.77 -5.27 10.62
N SER B 55 -9.14 -4.11 10.51
CA SER B 55 -9.32 -3.22 9.38
C SER B 55 -7.98 -3.06 8.65
N PHE B 56 -7.97 -2.21 7.64
CA PHE B 56 -6.77 -1.94 6.86
C PHE B 56 -6.71 -0.46 6.48
N SER B 57 -5.48 0.02 6.28
CA SER B 57 -5.23 1.42 5.97
C SER B 57 -5.19 1.61 4.45
N LYS B 58 -4.76 2.79 4.01
CA LYS B 58 -4.81 3.16 2.60
C LYS B 58 -3.90 2.31 1.73
N ASP B 59 -2.85 1.70 2.30
CA ASP B 59 -1.97 0.82 1.56
C ASP B 59 -2.38 -0.64 1.67
N TRP B 60 -3.61 -0.91 2.12
CA TRP B 60 -4.20 -2.23 2.27
C TRP B 60 -3.52 -3.07 3.35
N SER B 61 -2.71 -2.46 4.20
CA SER B 61 -2.07 -3.16 5.31
C SER B 61 -2.99 -3.13 6.53
N PHE B 62 -3.10 -4.26 7.21
CA PHE B 62 -4.05 -4.42 8.29
C PHE B 62 -3.58 -3.75 9.58
N TYR B 63 -4.53 -3.17 10.30
CA TYR B 63 -4.30 -2.64 11.64
C TYR B 63 -5.42 -3.12 12.55
N LEU B 64 -5.12 -3.22 13.84
CA LEU B 64 -6.07 -3.75 14.81
C LEU B 64 -5.52 -3.51 16.22
N LEU B 65 -6.43 -3.33 17.17
CA LEU B 65 -6.09 -2.94 18.53
C LEU B 65 -6.48 -4.04 19.51
N TYR B 66 -5.51 -4.48 20.32
CA TYR B 66 -5.76 -5.36 21.45
C TYR B 66 -5.75 -4.54 22.73
N TYR B 67 -6.78 -4.71 23.56
CA TYR B 67 -6.89 -3.92 24.78
C TYR B 67 -7.41 -4.79 25.92
N THR B 68 -7.06 -4.39 27.15
CA THR B 68 -7.54 -5.05 28.36
C THR B 68 -7.72 -4.01 29.44
N GLU B 69 -8.54 -4.35 30.42
CA GLU B 69 -8.78 -3.50 31.59
C GLU B 69 -7.85 -3.96 32.71
N PHE B 70 -6.93 -3.09 33.12
CA PHE B 70 -5.90 -3.46 34.07
C PHE B 70 -5.68 -2.32 35.06
N THR B 71 -5.01 -2.65 36.17
CA THR B 71 -4.67 -1.68 37.20
C THR B 71 -3.15 -1.59 37.33
N PRO B 72 -2.52 -0.53 36.85
CA PRO B 72 -1.05 -0.47 36.85
C PRO B 72 -0.48 -0.32 38.26
N THR B 73 0.67 -0.96 38.47
CA THR B 73 1.48 -0.82 39.67
C THR B 73 2.93 -0.63 39.25
N GLU B 74 3.81 -0.40 40.22
CA GLU B 74 5.22 -0.20 39.93
C GLU B 74 6.03 -1.49 39.99
N LYS B 75 5.40 -2.62 40.34
CA LYS B 75 6.06 -3.92 40.36
C LYS B 75 5.53 -4.86 39.29
N ASP B 76 4.52 -4.45 38.52
CA ASP B 76 3.94 -5.28 37.47
C ASP B 76 4.45 -4.83 36.11
N GLU B 77 5.02 -5.75 35.35
CA GLU B 77 5.53 -5.49 34.01
C GLU B 77 4.54 -6.01 32.98
N TYR B 78 4.20 -5.18 32.00
CA TYR B 78 3.30 -5.56 30.93
C TYR B 78 4.03 -5.49 29.60
N ALA B 79 3.60 -6.34 28.67
CA ALA B 79 4.21 -6.41 27.34
C ALA B 79 3.21 -6.98 26.37
N CYS B 80 3.59 -6.98 25.09
CA CYS B 80 2.75 -7.49 24.02
C CYS B 80 3.57 -8.46 23.18
N ARG B 81 3.08 -9.69 23.03
CA ARG B 81 3.74 -10.71 22.24
C ARG B 81 3.00 -10.85 20.91
N VAL B 82 3.71 -10.59 19.81
CA VAL B 82 3.14 -10.58 18.47
C VAL B 82 3.91 -11.57 17.61
N ASN B 83 3.18 -12.41 16.89
CA ASN B 83 3.75 -13.38 15.97
C ASN B 83 3.10 -13.22 14.61
N HIS B 84 3.90 -13.33 13.55
CA HIS B 84 3.42 -13.10 12.19
C HIS B 84 4.26 -13.92 11.23
N VAL B 85 3.78 -14.01 9.99
CA VAL B 85 4.48 -14.77 8.96
C VAL B 85 5.87 -14.19 8.71
N THR B 86 5.97 -12.86 8.67
CA THR B 86 7.25 -12.20 8.46
C THR B 86 8.19 -12.32 9.65
N LEU B 87 7.80 -13.05 10.69
CA LEU B 87 8.60 -13.18 11.91
C LEU B 87 8.86 -14.67 12.16
N SER B 88 10.11 -15.09 11.95
CA SER B 88 10.52 -16.42 12.37
C SER B 88 10.64 -16.52 13.89
N GLN B 89 10.71 -15.38 14.57
CA GLN B 89 10.77 -15.32 16.03
C GLN B 89 9.71 -14.32 16.48
N PRO B 90 8.78 -14.72 17.36
CA PRO B 90 7.79 -13.76 17.87
C PRO B 90 8.46 -12.64 18.64
N LYS B 91 7.93 -11.44 18.49
CA LYS B 91 8.49 -10.25 19.13
C LYS B 91 7.69 -9.91 20.38
N ILE B 92 8.39 -9.53 21.44
CA ILE B 92 7.78 -9.08 22.68
C ILE B 92 8.18 -7.62 22.88
N VAL B 93 7.18 -6.75 23.06
CA VAL B 93 7.41 -5.32 23.20
C VAL B 93 6.92 -4.93 24.59
N LYS B 94 7.85 -4.53 25.45
CA LYS B 94 7.51 -4.14 26.81
C LYS B 94 6.80 -2.79 26.82
N TRP B 95 6.02 -2.56 27.87
CA TRP B 95 5.21 -1.35 28.00
C TRP B 95 5.98 -0.31 28.81
N ASP B 96 6.35 0.79 28.16
CA ASP B 96 6.86 1.95 28.85
C ASP B 96 5.69 2.81 29.32
N ARG B 97 5.78 3.29 30.56
CA ARG B 97 4.63 3.94 31.19
C ARG B 97 4.23 5.21 30.48
N ASP B 98 5.18 5.95 29.91
CA ASP B 98 4.90 7.27 29.36
C ASP B 98 4.66 7.27 27.86
N MET B 99 5.08 6.24 27.14
CA MET B 99 4.90 6.20 25.69
C MET B 99 3.43 6.15 25.28
N GLU C 3 11.35 -16.89 -29.42
CA GLU C 3 12.45 -16.66 -30.34
C GLU C 3 13.29 -15.46 -29.89
N THR C 4 14.58 -15.49 -30.21
CA THR C 4 15.48 -14.40 -29.88
C THR C 4 15.59 -13.45 -31.06
N LEU C 5 15.28 -12.19 -30.82
CA LEU C 5 15.36 -11.14 -31.83
C LEU C 5 16.38 -10.10 -31.42
N LYS C 6 17.30 -9.78 -32.32
CA LYS C 6 18.22 -8.68 -32.09
C LYS C 6 17.62 -7.40 -32.67
N VAL C 7 17.82 -6.29 -31.96
CA VAL C 7 17.08 -5.07 -32.23
C VAL C 7 18.03 -3.89 -32.29
N LEU C 8 17.68 -2.93 -33.14
CA LEU C 8 18.39 -1.65 -33.24
C LEU C 8 17.39 -0.53 -32.99
N LEU C 9 17.48 0.09 -31.83
CA LEU C 9 16.54 1.12 -31.40
C LEU C 9 17.11 2.50 -31.73
N THR C 10 16.37 3.27 -32.52
CA THR C 10 16.76 4.64 -32.85
C THR C 10 16.18 5.57 -31.80
N VAL C 11 17.06 6.21 -31.03
CA VAL C 11 16.63 7.02 -29.90
C VAL C 11 16.03 8.33 -30.39
N GLY C 12 14.86 8.66 -29.88
CA GLY C 12 14.21 9.92 -30.18
C GLY C 12 14.62 11.02 -29.22
N ASN C 13 13.75 12.02 -29.11
CA ASN C 13 14.02 13.13 -28.21
C ASN C 13 13.75 12.73 -26.76
N PRO C 14 14.48 13.30 -25.81
CA PRO C 14 14.24 12.97 -24.40
C PRO C 14 12.82 13.32 -23.96
N ILE C 15 12.26 12.47 -23.12
CA ILE C 15 10.93 12.70 -22.57
C ILE C 15 11.06 13.66 -21.39
N SER C 16 10.26 14.72 -21.41
CA SER C 16 10.32 15.72 -20.35
C SER C 16 10.06 15.05 -19.00
N PRO C 17 10.76 15.47 -17.93
CA PRO C 17 11.67 16.62 -17.82
C PRO C 17 13.12 16.36 -18.26
N ASN C 18 13.41 15.27 -18.96
CA ASN C 18 14.76 15.04 -19.44
C ASN C 18 15.10 15.98 -20.60
N GLU C 19 16.35 16.43 -20.64
CA GLU C 19 16.84 17.31 -21.69
C GLU C 19 18.13 16.75 -22.27
N THR C 20 18.62 17.41 -23.31
CA THR C 20 19.63 16.80 -24.18
C THR C 20 20.95 16.55 -23.46
N ASN C 21 21.39 17.50 -22.65
CA ASN C 21 22.71 17.40 -22.01
C ASN C 21 22.62 17.46 -20.49
N LYS C 22 21.51 17.01 -19.92
CA LYS C 22 21.34 16.97 -18.48
C LYS C 22 21.32 15.52 -18.01
N GLN C 23 21.19 15.34 -16.69
CA GLN C 23 21.08 14.00 -16.14
C GLN C 23 19.77 13.36 -16.57
N THR C 24 19.77 12.03 -16.66
CA THR C 24 18.56 11.29 -16.98
C THR C 24 17.75 11.08 -15.71
N TRP C 25 16.49 11.50 -15.74
CA TRP C 25 15.57 11.27 -14.63
C TRP C 25 14.81 9.98 -14.86
N VAL C 26 14.75 9.15 -13.83
CA VAL C 26 14.01 7.89 -13.88
C VAL C 26 13.06 7.85 -12.69
N ASN C 27 11.97 7.12 -12.85
CA ASN C 27 11.05 6.91 -11.73
C ASN C 27 11.75 6.14 -10.63
N LYS C 28 11.50 6.52 -9.39
CA LYS C 28 12.12 5.90 -8.24
C LYS C 28 11.15 5.13 -7.37
N THR C 29 10.07 5.78 -6.91
CA THR C 29 9.11 5.13 -6.04
C THR C 29 8.17 4.23 -6.83
N ILE C 30 7.55 3.29 -6.13
CA ILE C 30 6.64 2.32 -6.73
C ILE C 30 5.22 2.46 -6.19
N GLU C 31 4.94 3.53 -5.45
CA GLU C 31 3.62 3.76 -4.86
C GLU C 31 3.28 5.23 -4.96
N PRO C 32 1.98 5.58 -4.99
CA PRO C 32 0.79 4.70 -4.92
C PRO C 32 0.65 3.82 -6.17
N PRO C 33 0.10 2.61 -5.99
CA PRO C 33 0.10 1.64 -7.09
C PRO C 33 -0.63 2.11 -8.34
N GLY C 34 -1.68 2.91 -8.20
CA GLY C 34 -2.39 3.40 -9.36
C GLY C 34 -1.74 4.56 -10.07
N ALA C 35 -0.68 5.13 -9.49
CA ALA C 35 -0.01 6.30 -10.05
C ALA C 35 1.33 5.95 -10.69
N VAL C 36 1.67 4.67 -10.81
CA VAL C 36 2.96 4.25 -11.36
C VAL C 36 2.72 3.25 -12.50
N VAL C 37 3.70 3.18 -13.39
CA VAL C 37 3.64 2.33 -14.57
C VAL C 37 4.14 0.93 -14.20
N LYS C 38 3.32 -0.08 -14.48
CA LYS C 38 3.62 -1.46 -14.17
C LYS C 38 3.68 -2.29 -15.44
N ILE C 39 4.64 -3.21 -15.50
CA ILE C 39 4.79 -4.13 -16.61
C ILE C 39 4.88 -5.54 -16.05
N GLY C 40 4.01 -6.43 -16.52
CA GLY C 40 4.07 -7.81 -16.05
C GLY C 40 2.91 -8.63 -16.56
N ARG C 41 2.86 -9.87 -16.07
CA ARG C 41 1.83 -10.83 -16.44
C ARG C 41 0.58 -10.66 -15.57
N ASP C 42 0.74 -10.78 -14.26
CA ASP C 42 -0.37 -10.75 -13.32
C ASP C 42 0.06 -9.97 -12.09
N THR C 43 -0.76 -10.06 -11.03
CA THR C 43 -0.49 -9.28 -9.82
C THR C 43 0.73 -9.77 -9.07
N GLN C 44 1.05 -11.06 -9.16
CA GLN C 44 2.24 -11.61 -8.54
C GLN C 44 3.43 -11.66 -9.47
N HIS C 45 3.27 -11.23 -10.72
CA HIS C 45 4.36 -11.20 -11.71
C HIS C 45 4.32 -9.85 -12.41
N TYR C 46 4.99 -8.85 -11.84
CA TYR C 46 5.11 -7.55 -12.49
C TYR C 46 6.22 -6.75 -11.82
N CYS C 47 6.60 -5.66 -12.48
CA CYS C 47 7.61 -4.74 -11.97
C CYS C 47 7.23 -3.33 -12.38
N THR C 48 7.78 -2.35 -11.65
CA THR C 48 7.49 -0.95 -11.89
C THR C 48 8.65 -0.29 -12.63
N MET C 49 8.32 0.51 -13.66
CA MET C 49 9.34 1.10 -14.50
C MET C 49 10.13 2.17 -13.75
N ASN C 50 11.40 2.31 -14.13
CA ASN C 50 12.21 3.46 -13.76
C ASN C 50 12.59 4.28 -14.98
N GLY C 51 13.26 3.68 -15.96
CA GLY C 51 13.70 4.40 -17.14
C GLY C 51 12.66 4.40 -18.24
N PHE C 52 12.53 5.53 -18.92
CA PHE C 52 11.63 5.68 -20.06
C PHE C 52 12.37 6.43 -21.16
N THR C 53 12.30 5.91 -22.37
CA THR C 53 13.05 6.49 -23.49
C THR C 53 12.23 6.35 -24.76
N LEU C 54 11.97 7.47 -25.44
CA LEU C 54 11.24 7.44 -26.69
C LEU C 54 12.10 6.84 -27.80
N ILE C 55 11.52 5.92 -28.55
CA ILE C 55 12.18 5.29 -29.69
C ILE C 55 11.40 5.65 -30.95
N THR C 56 12.13 6.14 -31.97
CA THR C 56 11.51 6.63 -33.19
C THR C 56 11.54 5.63 -34.34
N LYS C 57 12.44 4.65 -34.30
CA LYS C 57 12.50 3.63 -35.34
C LYS C 57 13.11 2.37 -34.76
N VAL C 58 12.52 1.22 -35.08
CA VAL C 58 12.98 -0.07 -34.60
C VAL C 58 13.36 -0.91 -35.81
N ASP C 59 14.60 -1.41 -35.82
CA ASP C 59 15.08 -2.31 -36.85
C ASP C 59 15.14 -3.72 -36.28
N TRP C 60 14.47 -4.66 -36.95
CA TRP C 60 14.29 -6.01 -36.44
C TRP C 60 15.24 -6.97 -37.14
N PHE C 61 15.90 -7.81 -36.34
CA PHE C 61 16.81 -8.82 -36.86
C PHE C 61 16.60 -10.11 -36.08
N THR C 62 16.87 -11.23 -36.72
CA THR C 62 16.74 -12.53 -36.08
C THR C 62 18.03 -12.88 -35.36
N GLU C 63 18.14 -14.10 -34.85
CA GLU C 63 19.40 -14.57 -34.30
C GLU C 63 20.47 -14.61 -35.39
N GLU C 64 20.09 -15.01 -36.61
CA GLU C 64 21.01 -15.10 -37.73
C GLU C 64 21.18 -13.78 -38.47
N PHE C 65 20.82 -12.66 -37.83
CA PHE C 65 21.12 -11.32 -38.35
C PHE C 65 20.55 -11.10 -39.75
N GLN C 66 19.24 -11.31 -39.90
CA GLN C 66 18.65 -11.03 -41.19
C GLN C 66 17.46 -10.11 -41.04
N PRO C 67 17.19 -9.26 -42.04
CA PRO C 67 16.07 -8.31 -41.93
C PRO C 67 14.75 -8.98 -41.60
N SER C 68 14.23 -8.69 -40.41
CA SER C 68 12.99 -9.27 -39.92
C SER C 68 11.90 -8.21 -39.87
N GLU C 69 10.66 -8.67 -39.96
CA GLU C 69 9.51 -7.78 -39.90
C GLU C 69 9.02 -7.67 -38.47
N GLU C 70 8.37 -6.54 -38.17
CA GLU C 70 7.92 -6.24 -36.82
C GLU C 70 7.03 -7.36 -36.29
N PRO C 71 7.40 -8.01 -35.18
CA PRO C 71 6.64 -9.17 -34.71
C PRO C 71 5.40 -8.75 -33.95
N ALA C 72 4.54 -9.74 -33.69
CA ALA C 72 3.38 -9.53 -32.87
C ALA C 72 3.79 -9.33 -31.41
N PRO C 73 2.97 -8.62 -30.62
CA PRO C 73 3.29 -8.47 -29.19
C PRO C 73 3.32 -9.82 -28.49
N VAL C 74 4.22 -9.94 -27.52
CA VAL C 74 4.27 -11.16 -26.72
C VAL C 74 2.98 -11.28 -25.91
N GLN C 75 2.26 -12.38 -26.12
CA GLN C 75 0.93 -12.53 -25.53
C GLN C 75 1.05 -12.68 -24.02
N GLY C 76 0.40 -11.76 -23.30
CA GLY C 76 0.38 -11.80 -21.85
C GLY C 76 1.05 -10.61 -21.20
N LEU C 77 2.19 -10.19 -21.74
CA LEU C 77 2.90 -9.04 -21.20
C LEU C 77 2.18 -7.76 -21.57
N MET C 78 2.07 -6.84 -20.61
CA MET C 78 1.39 -5.59 -20.85
C MET C 78 1.91 -4.51 -19.91
N VAL C 79 1.70 -3.26 -20.31
CA VAL C 79 2.03 -2.09 -19.52
C VAL C 79 0.72 -1.47 -19.06
N LEU C 80 0.55 -1.31 -17.75
CA LEU C 80 -0.70 -0.84 -17.18
C LEU C 80 -0.47 0.37 -16.28
N LEU C 81 -1.47 1.24 -16.22
CA LEU C 81 -1.51 2.36 -15.29
C LEU C 81 -2.86 2.35 -14.61
N ASP C 82 -2.86 2.16 -13.28
CA ASP C 82 -4.08 2.07 -12.48
C ASP C 82 -5.03 1.00 -13.04
N ASN C 83 -4.50 -0.22 -13.13
CA ASN C 83 -5.27 -1.41 -13.50
C ASN C 83 -5.87 -1.30 -14.89
N HIS C 84 -5.22 -0.56 -15.79
CA HIS C 84 -5.69 -0.43 -17.16
C HIS C 84 -4.51 -0.52 -18.12
N LYS C 85 -4.60 -1.44 -19.07
CA LYS C 85 -3.52 -1.66 -20.02
C LYS C 85 -3.42 -0.47 -20.99
N LYS C 86 -2.21 0.06 -21.13
CA LYS C 86 -1.96 1.22 -21.97
C LYS C 86 -0.95 0.97 -23.08
N ALA C 87 -0.27 -0.18 -23.09
CA ALA C 87 0.75 -0.44 -24.10
C ALA C 87 0.96 -1.94 -24.24
N ASP C 88 1.39 -2.34 -25.43
CA ASP C 88 1.75 -3.72 -25.73
C ASP C 88 3.26 -3.87 -25.69
N VAL C 89 3.72 -5.01 -25.19
CA VAL C 89 5.15 -5.34 -25.15
C VAL C 89 5.46 -6.24 -26.33
N TYR C 90 6.48 -5.88 -27.10
CA TYR C 90 6.86 -6.64 -28.29
C TYR C 90 8.14 -7.44 -28.12
N ALA C 91 9.04 -7.01 -27.24
CA ALA C 91 10.26 -7.75 -26.95
C ALA C 91 10.73 -7.35 -25.56
N ALA C 92 11.44 -8.27 -24.91
CA ALA C 92 11.93 -8.01 -23.55
C ALA C 92 13.19 -8.82 -23.31
N GLN C 93 13.98 -8.37 -22.34
CA GLN C 93 15.19 -9.06 -21.95
C GLN C 93 15.52 -8.66 -20.51
N GLN C 94 16.05 -9.61 -19.75
CA GLN C 94 16.41 -9.40 -18.36
C GLN C 94 17.88 -9.73 -18.16
N TYR C 95 18.58 -8.85 -17.46
CA TYR C 95 20.01 -8.99 -17.21
C TYR C 95 20.25 -9.16 -15.72
N LYS C 96 21.02 -10.18 -15.34
CA LYS C 96 21.36 -10.44 -13.95
C LYS C 96 22.87 -10.42 -13.80
N ASN C 97 23.37 -9.66 -12.82
CA ASN C 97 24.79 -9.53 -12.58
C ASN C 97 25.03 -9.51 -11.08
N PRO C 98 25.93 -10.35 -10.56
CA PRO C 98 26.16 -10.39 -9.12
C PRO C 98 26.80 -9.11 -8.60
N ILE C 99 26.53 -8.82 -7.32
CA ILE C 99 27.03 -7.59 -6.70
C ILE C 99 27.81 -7.90 -5.41
N THR C 100 27.22 -8.66 -4.47
CA THR C 100 27.86 -8.93 -3.19
C THR C 100 27.87 -10.41 -2.81
N ASN C 101 27.76 -11.33 -3.77
CA ASN C 101 27.78 -12.77 -3.54
C ASN C 101 26.51 -13.29 -2.88
N ASP C 102 25.65 -12.37 -2.42
CA ASP C 102 24.31 -12.75 -1.97
C ASP C 102 23.28 -11.71 -2.40
N LYS C 103 23.68 -10.73 -3.21
CA LYS C 103 22.75 -9.77 -3.79
C LYS C 103 23.11 -9.58 -5.25
N GLN C 104 22.10 -9.64 -6.12
CA GLN C 104 22.28 -9.49 -7.55
C GLN C 104 21.46 -8.31 -8.05
N GLN C 105 22.01 -7.58 -9.02
CA GLN C 105 21.27 -6.52 -9.69
C GLN C 105 20.57 -7.11 -10.90
N VAL C 106 19.24 -7.05 -10.91
CA VAL C 106 18.42 -7.62 -11.97
C VAL C 106 17.70 -6.47 -12.67
N THR C 107 17.99 -6.29 -13.96
CA THR C 107 17.42 -5.22 -14.75
C THR C 107 16.60 -5.79 -15.90
N SER C 108 15.35 -5.38 -15.99
CA SER C 108 14.43 -5.84 -17.02
C SER C 108 14.18 -4.71 -18.01
N VAL C 109 14.31 -5.01 -19.30
CA VAL C 109 14.19 -4.02 -20.37
C VAL C 109 13.06 -4.46 -21.29
N PHE C 110 12.12 -3.55 -21.53
CA PHE C 110 10.93 -3.83 -22.32
C PHE C 110 10.82 -2.85 -23.48
N LEU C 111 10.58 -3.37 -24.68
CA LEU C 111 10.32 -2.55 -25.86
C LEU C 111 8.82 -2.57 -26.13
N VAL C 112 8.17 -1.42 -25.93
CA VAL C 112 6.72 -1.36 -25.92
C VAL C 112 6.24 -0.35 -26.96
N ARG C 113 4.97 -0.49 -27.33
CA ARG C 113 4.26 0.49 -28.16
C ARG C 113 3.00 0.90 -27.43
N VAL C 114 2.84 2.20 -27.19
CA VAL C 114 1.69 2.70 -26.45
C VAL C 114 0.46 2.68 -27.34
N ASN C 115 -0.59 1.99 -26.90
CA ASN C 115 -1.84 1.93 -27.64
C ASN C 115 -2.84 2.99 -27.20
N GLU C 116 -2.68 3.52 -25.99
CA GLU C 116 -3.54 4.60 -25.49
C GLU C 116 -2.68 5.57 -24.71
N GLY C 117 -2.68 6.83 -25.15
CA GLY C 117 -1.85 7.82 -24.50
C GLY C 117 -2.21 8.02 -23.04
N PHE C 118 -1.19 8.29 -22.24
CA PHE C 118 -1.38 8.48 -20.80
C PHE C 118 -0.25 9.34 -20.27
N GLN C 119 -0.47 9.90 -19.07
CA GLN C 119 0.56 10.62 -18.35
C GLN C 119 0.54 10.18 -16.89
N VAL C 120 1.71 10.21 -16.26
CA VAL C 120 1.86 9.85 -14.86
C VAL C 120 2.56 11.02 -14.15
N THR C 121 2.43 11.04 -12.83
CA THR C 121 3.10 12.02 -11.99
C THR C 121 3.85 11.25 -10.90
N ASN C 122 5.13 11.01 -11.12
CA ASN C 122 5.92 10.11 -10.29
C ASN C 122 7.00 10.86 -9.53
N HIS C 123 7.65 10.15 -8.62
CA HIS C 123 8.80 10.66 -7.87
C HIS C 123 10.06 10.26 -8.63
N LEU C 124 10.66 11.21 -9.33
CA LEU C 124 11.81 10.92 -10.17
C LEU C 124 13.12 11.15 -9.41
N SER C 125 14.20 10.64 -9.98
CA SER C 125 15.53 10.79 -9.40
C SER C 125 16.56 10.47 -10.49
N TYR C 126 17.84 10.58 -10.14
CA TYR C 126 18.91 10.25 -11.07
C TYR C 126 20.05 9.57 -10.33
N PHE C 127 20.79 8.73 -11.05
CA PHE C 127 21.98 8.11 -10.49
C PHE C 127 23.10 9.14 -10.34
N TYR C 128 24.03 8.84 -9.45
CA TYR C 128 25.18 9.72 -9.22
C TYR C 128 26.30 8.90 -8.59
N ARG C 129 27.52 9.44 -8.70
CA ARG C 129 28.70 8.84 -8.10
C ARG C 129 29.62 9.96 -7.65
N ASN C 130 29.98 9.96 -6.37
CA ASN C 130 30.88 10.97 -5.83
C ASN C 130 32.32 10.60 -6.16
N SER C 131 33.25 11.50 -5.83
CA SER C 131 34.67 11.28 -6.06
C SER C 131 35.44 11.58 -4.79
N VAL C 132 36.55 10.87 -4.60
CA VAL C 132 37.45 11.08 -3.48
C VAL C 132 38.88 10.99 -4.00
N ASN C 133 39.79 11.67 -3.30
CA ASN C 133 41.20 11.65 -3.67
C ASN C 133 41.89 10.42 -3.09
N THR C 134 41.35 9.25 -3.37
CA THR C 134 41.90 7.99 -2.91
C THR C 134 41.53 6.92 -3.92
N ASP C 135 42.26 5.80 -3.88
CA ASP C 135 41.90 4.65 -4.71
C ASP C 135 40.68 3.90 -4.16
N ALA C 136 40.01 4.50 -3.19
CA ALA C 136 38.85 3.87 -2.57
C ALA C 136 37.70 3.74 -3.57
N VAL C 137 36.89 2.70 -3.36
CA VAL C 137 35.78 2.42 -4.26
C VAL C 137 34.67 3.44 -4.06
N GLU C 138 34.19 4.01 -5.15
CA GLU C 138 33.02 4.88 -5.16
C GLU C 138 31.92 4.21 -5.97
N ASN C 139 30.74 4.13 -5.39
CA ASN C 139 29.62 3.42 -5.99
C ASN C 139 28.65 4.40 -6.66
N ILE C 140 27.76 3.83 -7.47
CA ILE C 140 26.69 4.58 -8.11
C ILE C 140 25.42 4.38 -7.31
N LYS C 141 24.80 5.47 -6.90
CA LYS C 141 23.60 5.42 -6.06
C LYS C 141 22.54 6.35 -6.63
N ILE C 142 21.31 6.12 -6.23
CA ILE C 142 20.23 7.04 -6.56
C ILE C 142 20.24 8.20 -5.55
N ARG C 143 19.69 9.34 -5.97
CA ARG C 143 19.83 10.56 -5.18
C ARG C 143 19.16 10.45 -3.80
N SER C 144 18.15 9.61 -3.67
CA SER C 144 17.38 9.44 -2.44
C SER C 144 16.45 10.62 -2.22
N ALA C 145 16.58 11.65 -3.03
CA ALA C 145 15.61 12.74 -3.07
C ALA C 145 14.80 12.61 -4.35
N THR C 146 13.56 13.09 -4.30
CA THR C 146 12.66 12.92 -5.43
C THR C 146 11.99 14.25 -5.78
N ARG C 147 11.80 14.46 -7.08
CA ARG C 147 11.03 15.58 -7.60
C ARG C 147 9.72 15.03 -8.17
N HIS C 148 8.60 15.63 -7.77
CA HIS C 148 7.29 15.20 -8.22
C HIS C 148 6.93 15.97 -9.48
N THR C 149 6.90 15.27 -10.62
CA THR C 149 6.69 15.92 -11.90
C THR C 149 6.02 14.94 -12.85
N THR C 150 5.40 15.49 -13.90
CA THR C 150 4.61 14.72 -14.84
C THR C 150 5.48 14.21 -15.98
N VAL C 151 5.23 12.96 -16.37
CA VAL C 151 5.88 12.32 -17.52
C VAL C 151 4.78 11.83 -18.46
N ARG C 152 4.93 12.13 -19.75
CA ARG C 152 3.86 11.92 -20.73
C ARG C 152 4.28 10.87 -21.75
N PHE C 153 3.33 10.03 -22.14
CA PHE C 153 3.51 8.99 -23.15
C PHE C 153 2.41 9.11 -24.18
N ASN C 154 2.78 9.08 -25.46
CA ASN C 154 1.87 9.39 -26.54
C ASN C 154 1.44 8.12 -27.28
N GLN C 155 0.21 8.16 -27.80
CA GLN C 155 -0.34 7.05 -28.57
C GLN C 155 0.43 6.83 -29.85
N GLY C 156 0.69 5.56 -30.16
CA GLY C 156 1.40 5.20 -31.38
C GLY C 156 2.90 5.26 -31.29
N SER C 157 3.45 5.86 -30.24
CA SER C 157 4.89 5.93 -30.07
C SER C 157 5.41 4.64 -29.45
N TRP C 158 6.71 4.40 -29.66
CA TRP C 158 7.39 3.26 -29.09
C TRP C 158 8.34 3.74 -28.00
N TYR C 159 8.44 2.97 -26.92
CA TYR C 159 9.24 3.37 -25.77
C TYR C 159 10.07 2.20 -25.28
N LEU C 160 11.19 2.52 -24.65
CA LEU C 160 12.06 1.56 -23.99
C LEU C 160 11.93 1.79 -22.48
N LEU C 161 11.33 0.83 -21.79
CA LEU C 161 11.10 0.92 -20.35
C LEU C 161 12.02 -0.06 -19.63
N THR C 162 12.56 0.37 -18.49
CA THR C 162 13.48 -0.44 -17.72
C THR C 162 13.04 -0.48 -16.26
N SER C 163 13.38 -1.57 -15.59
CA SER C 163 13.21 -1.68 -14.15
C SER C 163 14.46 -2.35 -13.57
N THR C 164 14.94 -1.83 -12.45
CA THR C 164 16.14 -2.37 -11.82
C THR C 164 15.83 -2.65 -10.35
N VAL C 165 16.04 -3.89 -9.92
CA VAL C 165 15.82 -4.28 -8.54
C VAL C 165 17.06 -5.03 -8.05
N LEU C 166 17.24 -5.03 -6.74
CA LEU C 166 18.32 -5.77 -6.08
C LEU C 166 17.70 -6.94 -5.34
N HIS C 167 18.12 -8.15 -5.69
CA HIS C 167 17.55 -9.38 -5.14
C HIS C 167 18.57 -10.03 -4.22
N THR C 168 18.14 -10.35 -3.00
CA THR C 168 18.99 -10.98 -2.00
C THR C 168 18.68 -12.46 -1.92
N GLY C 169 19.72 -13.28 -1.82
CA GLY C 169 19.57 -14.71 -1.73
C GLY C 169 20.30 -15.42 -2.85
N PRO C 170 19.96 -16.69 -3.08
CA PRO C 170 20.58 -17.43 -4.18
C PRO C 170 20.16 -16.85 -5.52
N PRO C 171 21.03 -16.93 -6.53
CA PRO C 171 20.65 -16.43 -7.86
C PRO C 171 19.44 -17.18 -8.40
N VAL C 172 18.57 -16.45 -9.08
CA VAL C 172 17.33 -17.00 -9.61
C VAL C 172 17.56 -17.49 -11.03
N SER C 173 16.93 -18.60 -11.38
CA SER C 173 16.92 -19.10 -12.75
C SER C 173 15.57 -18.80 -13.38
N GLY C 174 15.60 -18.38 -14.65
CA GLY C 174 14.38 -17.92 -15.30
C GLY C 174 14.10 -16.47 -14.97
N TRP C 175 13.03 -15.95 -15.57
CA TRP C 175 12.70 -14.55 -15.41
C TRP C 175 12.28 -14.26 -13.97
N LEU C 176 12.91 -13.26 -13.36
CA LEU C 176 12.59 -12.84 -12.01
C LEU C 176 11.64 -11.66 -12.05
N TRP C 177 10.45 -11.82 -11.49
CA TRP C 177 9.51 -10.73 -11.33
C TRP C 177 9.60 -10.20 -9.92
N MET C 178 9.77 -8.89 -9.78
CA MET C 178 10.00 -8.29 -8.47
C MET C 178 9.64 -6.82 -8.53
N ASN C 179 8.83 -6.37 -7.57
CA ASN C 179 8.40 -4.99 -7.47
C ASN C 179 9.17 -4.33 -6.34
N GLN C 180 10.01 -3.35 -6.67
CA GLN C 180 10.89 -2.75 -5.68
C GLN C 180 11.33 -1.37 -6.17
N GLU C 181 11.26 -0.38 -5.28
CA GLU C 181 11.75 0.95 -5.61
C GLU C 181 13.28 0.96 -5.61
N LEU C 182 13.84 1.97 -6.25
CA LEU C 182 15.28 2.17 -6.20
C LEU C 182 15.70 2.47 -4.77
N GLN C 183 16.79 1.85 -4.33
CA GLN C 183 17.14 1.76 -2.92
C GLN C 183 18.14 2.84 -2.54
N ASN C 184 17.88 3.52 -1.43
CA ASN C 184 18.77 4.56 -0.94
C ASN C 184 20.06 3.96 -0.40
N ASP C 185 21.17 4.66 -0.62
CA ASP C 185 22.46 4.29 -0.06
C ASP C 185 22.84 2.86 -0.43
N GLN C 186 22.51 2.48 -1.67
CA GLN C 186 22.75 1.13 -2.16
C GLN C 186 23.53 1.21 -3.46
N ALA C 187 24.60 0.42 -3.55
CA ALA C 187 25.46 0.45 -4.73
C ALA C 187 24.74 -0.14 -5.93
N TYR C 188 24.91 0.52 -7.08
CA TYR C 188 24.44 0.04 -8.37
C TYR C 188 25.59 0.09 -9.36
N ILE C 189 25.58 -0.85 -10.30
CA ILE C 189 26.53 -0.87 -11.40
C ILE C 189 25.76 -0.70 -12.69
N ILE C 190 26.29 0.11 -13.61
CA ILE C 190 25.62 0.23 -14.90
C ILE C 190 25.82 -1.09 -15.66
N ASP C 191 24.72 -1.68 -16.08
CA ASP C 191 24.74 -2.96 -16.76
C ASP C 191 24.15 -2.79 -18.16
N GLN C 192 23.91 -3.91 -18.84
CA GLN C 192 23.42 -3.88 -20.21
C GLN C 192 22.09 -3.15 -20.33
N GLY C 193 21.33 -3.03 -19.25
CA GLY C 193 20.00 -2.45 -19.33
C GLY C 193 19.87 -0.99 -18.94
N ILE C 194 20.91 -0.40 -18.33
CA ILE C 194 20.80 0.97 -17.85
C ILE C 194 21.96 1.83 -18.36
N MET C 195 22.66 1.35 -19.40
CA MET C 195 23.75 2.13 -19.97
C MET C 195 23.28 3.46 -20.55
N HIS C 196 22.01 3.56 -20.93
CA HIS C 196 21.46 4.75 -21.55
C HIS C 196 20.71 5.64 -20.57
N LEU C 197 20.84 5.39 -19.26
CA LEU C 197 20.09 6.12 -18.25
C LEU C 197 20.96 7.03 -17.40
N ILE C 198 22.14 7.40 -17.89
CA ILE C 198 22.98 8.37 -17.18
C ILE C 198 22.71 9.75 -17.77
N THR C 199 22.98 9.93 -19.05
CA THR C 199 22.55 11.08 -19.81
C THR C 199 21.90 10.59 -21.10
N PRO C 200 20.92 11.33 -21.62
CA PRO C 200 20.13 10.82 -22.76
C PRO C 200 21.01 10.52 -23.96
N PRO C 201 20.72 9.43 -24.66
CA PRO C 201 21.47 9.14 -25.89
C PRO C 201 21.23 10.22 -26.92
N PRO C 202 22.22 10.50 -27.77
CA PRO C 202 22.03 11.53 -28.79
C PRO C 202 20.87 11.18 -29.71
N VAL C 203 20.14 12.20 -30.16
CA VAL C 203 18.99 11.98 -31.01
C VAL C 203 19.46 11.34 -32.32
N SER C 204 18.73 10.31 -32.76
CA SER C 204 18.96 9.48 -33.93
C SER C 204 20.11 8.51 -33.76
N SER C 205 20.79 8.49 -32.62
CA SER C 205 21.77 7.45 -32.36
C SER C 205 21.05 6.12 -32.09
N GLN C 206 21.79 5.03 -32.24
CA GLN C 206 21.22 3.69 -32.16
C GLN C 206 21.73 2.93 -30.94
N ILE C 207 20.82 2.17 -30.33
CA ILE C 207 21.11 1.34 -29.17
C ILE C 207 20.71 -0.09 -29.51
N TYR C 208 21.56 -1.05 -29.14
CA TYR C 208 21.40 -2.43 -29.54
C TYR C 208 20.98 -3.31 -28.36
N PHE C 209 20.14 -4.31 -28.64
CA PHE C 209 19.70 -5.27 -27.65
C PHE C 209 19.55 -6.64 -28.30
N GLU C 210 19.72 -7.68 -27.48
CA GLU C 210 19.32 -9.04 -27.83
C GLU C 210 18.19 -9.44 -26.90
N MET C 211 17.00 -9.66 -27.47
CA MET C 211 15.78 -9.79 -26.69
C MET C 211 15.06 -11.08 -27.03
N ALA C 212 14.13 -11.45 -26.16
CA ALA C 212 13.25 -12.59 -26.37
C ALA C 212 11.83 -12.10 -26.65
N THR C 213 11.10 -12.88 -27.43
CA THR C 213 9.72 -12.52 -27.78
C THR C 213 8.77 -13.65 -27.43
#